data_4XBQ
#
_entry.id   4XBQ
#
_cell.length_a   30.085
_cell.length_b   55.411
_cell.length_c   136.497
_cell.angle_alpha   90.00
_cell.angle_beta   90.00
_cell.angle_gamma   90.00
#
_symmetry.space_group_name_H-M   'P 21 21 21'
#
loop_
_entity.id
_entity.type
_entity.pdbx_description
1 polymer Galectin-7
2 branched beta-D-galactopyranose-(1-3)-2-acetamido-2-deoxy-beta-D-glucopyranose
3 water water
#
_entity_poly.entity_id   1
_entity_poly.type   'polypeptide(L)'
_entity_poly.pdbx_seq_one_letter_code
;GSSHHHHHHSSGLVPRGSHMSNVPHKSSLPEGIRPGTVLRIRGLVPPNASRFHVNLLCGEEQGSDAALHFNPRLDTSEVV
FNSKEQGSWGREERGPGVPFQRGQPFEVLIIASDDGFKAVVGDAQYHHFRHRLPLARVRLVEVGGDVQLDSVRIF
;
_entity_poly.pdbx_strand_id   A,B
#
loop_
_chem_comp.id
_chem_comp.type
_chem_comp.name
_chem_comp.formula
GAL D-saccharide, beta linking beta-D-galactopyranose 'C6 H12 O6'
NAG D-saccharide, beta linking 2-acetamido-2-deoxy-beta-D-glucopyranose 'C8 H15 N O6'
#
# COMPACT_ATOMS: atom_id res chain seq x y z
N VAL A 23 -15.19 18.58 -2.47
CA VAL A 23 -14.34 18.27 -3.61
C VAL A 23 -14.29 16.76 -3.90
N PRO A 24 -14.67 16.38 -5.12
CA PRO A 24 -14.44 15.05 -5.70
C PRO A 24 -13.07 14.96 -6.37
N HIS A 25 -12.45 13.79 -6.32
CA HIS A 25 -11.16 13.58 -6.98
C HIS A 25 -11.33 12.82 -8.29
N LYS A 26 -10.67 13.31 -9.34
CA LYS A 26 -10.65 12.62 -10.63
C LYS A 26 -9.31 12.89 -11.32
N SER A 27 -8.57 11.83 -11.60
CA SER A 27 -7.24 11.97 -12.19
C SER A 27 -6.92 10.84 -13.17
N SER A 28 -6.28 11.20 -14.28
CA SER A 28 -5.88 10.21 -15.26
C SER A 28 -4.70 9.40 -14.76
N LEU A 29 -4.52 8.21 -15.32
CA LEU A 29 -3.38 7.37 -14.97
C LEU A 29 -2.54 7.07 -16.21
N PRO A 30 -1.69 8.04 -16.61
CA PRO A 30 -0.91 7.97 -17.84
C PRO A 30 0.10 6.82 -17.82
N GLU A 31 0.46 6.37 -16.63
CA GLU A 31 1.45 5.31 -16.49
C GLU A 31 0.79 3.95 -16.34
N GLY A 32 -0.55 3.93 -16.41
CA GLY A 32 -1.31 2.71 -16.22
C GLY A 32 -1.17 2.21 -14.80
N ILE A 33 -1.77 1.06 -14.50
CA ILE A 33 -1.57 0.45 -13.19
C ILE A 33 -1.21 -1.01 -13.35
N ARG A 34 -0.17 -1.43 -12.64
CA ARG A 34 0.35 -2.80 -12.71
C ARG A 34 0.20 -3.46 -11.35
N PRO A 35 0.48 -4.78 -11.27
CA PRO A 35 0.58 -5.38 -9.94
C PRO A 35 1.59 -4.63 -9.07
N GLY A 36 1.15 -4.20 -7.90
CA GLY A 36 2.00 -3.44 -7.00
C GLY A 36 1.64 -1.97 -6.99
N THR A 37 0.58 -1.61 -7.71
CA THR A 37 0.08 -0.23 -7.65
C THR A 37 -0.81 -0.08 -6.43
N VAL A 38 -0.56 0.95 -5.64
CA VAL A 38 -1.34 1.19 -4.44
C VAL A 38 -2.03 2.54 -4.48
N LEU A 39 -3.34 2.51 -4.32
CA LEU A 39 -4.13 3.73 -4.22
C LEU A 39 -4.45 3.97 -2.75
N ARG A 40 -3.95 5.08 -2.22
CA ARG A 40 -4.20 5.41 -0.82
C ARG A 40 -5.17 6.56 -0.71
N ILE A 41 -6.32 6.31 -0.09
CA ILE A 41 -7.32 7.33 0.09
C ILE A 41 -7.50 7.66 1.56
N ARG A 42 -7.20 8.90 1.92
CA ARG A 42 -7.46 9.37 3.27
C ARG A 42 -8.55 10.42 3.20
N GLY A 43 -9.60 10.22 3.98
CA GLY A 43 -10.74 11.09 3.93
C GLY A 43 -11.61 11.03 5.16
N LEU A 44 -12.76 11.68 5.09
CA LEU A 44 -13.69 11.72 6.19
C LEU A 44 -15.11 11.50 5.72
N VAL A 45 -15.84 10.66 6.44
CA VAL A 45 -17.26 10.48 6.17
C VAL A 45 -18.02 11.57 6.90
N PRO A 46 -18.70 12.46 6.16
CA PRO A 46 -19.48 13.56 6.73
C PRO A 46 -20.58 13.06 7.66
N PRO A 47 -20.99 13.90 8.64
CA PRO A 47 -21.94 13.50 9.68
C PRO A 47 -23.33 13.08 9.16
N ASN A 48 -23.76 13.62 8.03
CA ASN A 48 -25.03 13.19 7.44
C ASN A 48 -24.84 12.48 6.11
N ALA A 49 -23.72 11.79 5.97
CA ALA A 49 -23.41 11.05 4.75
C ALA A 49 -24.33 9.86 4.51
N SER A 50 -24.62 9.61 3.24
CA SER A 50 -25.32 8.39 2.84
C SER A 50 -24.34 7.37 2.28
N ARG A 51 -23.61 7.74 1.22
CA ARG A 51 -22.62 6.86 0.62
C ARG A 51 -21.57 7.63 -0.17
N PHE A 52 -20.39 7.02 -0.36
CA PHE A 52 -19.40 7.58 -1.27
C PHE A 52 -18.80 6.45 -2.10
N HIS A 53 -17.92 6.78 -3.04
CA HIS A 53 -17.41 5.78 -3.97
C HIS A 53 -15.95 6.00 -4.37
N VAL A 54 -15.26 4.89 -4.63
CA VAL A 54 -13.97 4.94 -5.31
C VAL A 54 -14.07 4.12 -6.60
N ASN A 55 -13.82 4.77 -7.73
CA ASN A 55 -13.92 4.09 -9.01
C ASN A 55 -12.61 4.06 -9.78
N LEU A 56 -12.28 2.91 -10.36
CA LEU A 56 -11.23 2.82 -11.36
C LEU A 56 -11.86 2.61 -12.72
N LEU A 57 -11.85 3.67 -13.53
CA LEU A 57 -12.54 3.65 -14.82
C LEU A 57 -11.59 3.35 -15.97
N CYS A 58 -12.15 2.76 -17.03
CA CYS A 58 -11.34 2.37 -18.18
C CYS A 58 -11.47 3.38 -19.32
N GLY A 59 -12.08 4.53 -19.03
CA GLY A 59 -12.20 5.62 -19.99
C GLY A 59 -12.23 6.94 -19.23
N GLU A 60 -12.37 8.05 -19.94
CA GLU A 60 -12.29 9.38 -19.30
C GLU A 60 -13.65 10.04 -18.99
N GLU A 61 -14.70 9.58 -19.65
CA GLU A 61 -16.03 10.17 -19.47
C GLU A 61 -16.91 9.30 -18.58
N GLN A 62 -18.02 9.86 -18.11
CA GLN A 62 -18.85 9.27 -17.07
C GLN A 62 -19.33 7.83 -17.32
N GLY A 63 -19.71 7.54 -18.56
CA GLY A 63 -20.23 6.22 -18.90
C GLY A 63 -19.21 5.15 -19.22
N SER A 64 -17.95 5.38 -18.85
CA SER A 64 -16.89 4.43 -19.16
C SER A 64 -17.00 3.17 -18.33
N ASP A 65 -16.43 2.08 -18.83
CA ASP A 65 -16.35 0.84 -18.08
C ASP A 65 -15.63 1.05 -16.74
N ALA A 66 -16.06 0.30 -15.73
CA ALA A 66 -15.42 0.37 -14.42
C ALA A 66 -14.74 -0.95 -14.09
N ALA A 67 -13.42 -0.92 -13.90
CA ALA A 67 -12.71 -2.10 -13.45
C ALA A 67 -13.02 -2.35 -11.98
N LEU A 68 -13.27 -1.27 -11.26
CA LEU A 68 -13.61 -1.37 -9.84
C LEU A 68 -14.54 -0.25 -9.42
N HIS A 69 -15.58 -0.62 -8.69
CA HIS A 69 -16.50 0.34 -8.11
C HIS A 69 -16.64 0.01 -6.63
N PHE A 70 -15.93 0.79 -5.81
CA PHE A 70 -15.89 0.55 -4.37
C PHE A 70 -16.84 1.53 -3.68
N ASN A 71 -17.91 1.00 -3.10
CA ASN A 71 -19.05 1.83 -2.74
C ASN A 71 -19.58 1.60 -1.32
N PRO A 72 -18.92 2.21 -0.32
CA PRO A 72 -19.44 2.17 1.06
C PRO A 72 -20.79 2.88 1.16
N ARG A 73 -21.79 2.18 1.68
CA ARG A 73 -23.14 2.75 1.81
C ARG A 73 -23.57 2.80 3.27
N LEU A 74 -23.47 3.98 3.88
CA LEU A 74 -23.91 4.13 5.27
C LEU A 74 -25.43 4.14 5.41
N ASP A 75 -26.14 4.47 4.33
CA ASP A 75 -27.60 4.53 4.42
C ASP A 75 -28.19 3.12 4.47
N THR A 76 -27.56 2.17 3.77
CA THR A 76 -28.04 0.78 3.78
C THR A 76 -27.09 -0.15 4.53
N SER A 77 -26.08 0.41 5.19
CA SER A 77 -25.15 -0.36 6.01
C SER A 77 -24.52 -1.55 5.26
N GLU A 78 -23.81 -1.23 4.19
CA GLU A 78 -23.13 -2.25 3.39
C GLU A 78 -21.99 -1.61 2.60
N VAL A 79 -21.02 -2.41 2.19
CA VAL A 79 -20.00 -1.94 1.27
C VAL A 79 -20.01 -2.81 0.02
N VAL A 80 -20.45 -2.21 -1.09
CA VAL A 80 -20.61 -2.96 -2.34
C VAL A 80 -19.40 -2.82 -3.25
N PHE A 81 -18.96 -3.94 -3.80
CA PHE A 81 -17.96 -3.97 -4.86
C PHE A 81 -18.65 -4.38 -6.15
N ASN A 82 -18.23 -3.79 -7.27
CA ASN A 82 -18.72 -4.22 -8.57
C ASN A 82 -17.88 -3.68 -9.71
N SER A 83 -18.14 -4.22 -10.91
CA SER A 83 -17.56 -3.69 -12.13
C SER A 83 -18.70 -3.31 -13.08
N LYS A 84 -18.39 -2.50 -14.09
CA LYS A 84 -19.39 -2.10 -15.07
C LYS A 84 -18.84 -2.17 -16.49
N GLU A 85 -19.57 -2.85 -17.37
CA GLU A 85 -19.15 -3.04 -18.77
C GLU A 85 -20.27 -2.77 -19.75
N GLN A 86 -19.98 -1.91 -20.73
CA GLN A 86 -20.95 -1.52 -21.73
C GLN A 86 -22.26 -1.08 -21.11
N GLY A 87 -22.16 -0.31 -20.03
CA GLY A 87 -23.34 0.21 -19.38
C GLY A 87 -23.93 -0.73 -18.35
N SER A 88 -23.48 -1.99 -18.33
CA SER A 88 -24.09 -2.97 -17.45
C SER A 88 -23.24 -3.28 -16.23
N TRP A 89 -23.83 -3.13 -15.05
CA TRP A 89 -23.21 -3.54 -13.80
C TRP A 89 -23.08 -5.05 -13.78
N GLY A 90 -21.92 -5.53 -13.36
CA GLY A 90 -21.71 -6.96 -13.22
C GLY A 90 -22.34 -7.46 -11.94
N ARG A 91 -21.87 -8.59 -11.45
CA ARG A 91 -22.43 -9.13 -10.21
C ARG A 91 -21.80 -8.50 -8.98
N GLU A 92 -22.65 -8.07 -8.06
CA GLU A 92 -22.21 -7.36 -6.87
C GLU A 92 -21.47 -8.25 -5.88
N GLU A 93 -20.49 -7.68 -5.21
CA GLU A 93 -19.88 -8.33 -4.06
C GLU A 93 -19.96 -7.40 -2.86
N ARG A 94 -19.95 -7.98 -1.66
CA ARG A 94 -20.01 -7.19 -0.44
C ARG A 94 -18.93 -7.59 0.55
N GLY A 95 -18.36 -6.60 1.23
CA GLY A 95 -17.38 -6.84 2.27
C GLY A 95 -18.03 -7.13 3.61
N PRO A 96 -17.24 -7.65 4.56
CA PRO A 96 -17.74 -8.00 5.90
C PRO A 96 -17.95 -6.78 6.78
N GLY A 97 -19.21 -6.46 7.04
CA GLY A 97 -19.58 -5.35 7.88
C GLY A 97 -19.31 -4.00 7.23
N VAL A 98 -19.43 -2.93 8.02
CA VAL A 98 -19.16 -1.60 7.50
C VAL A 98 -18.10 -0.91 8.36
N PRO A 99 -16.86 -0.90 7.86
CA PRO A 99 -15.74 -0.29 8.59
C PRO A 99 -15.67 1.21 8.38
N PHE A 100 -16.82 1.83 8.13
CA PHE A 100 -16.92 3.28 8.02
C PHE A 100 -18.00 3.76 8.98
N GLN A 101 -17.85 4.98 9.49
CA GLN A 101 -18.83 5.57 10.40
C GLN A 101 -19.00 7.06 10.15
N ARG A 102 -20.25 7.54 10.09
CA ARG A 102 -20.52 8.97 9.92
C ARG A 102 -19.75 9.80 10.93
N GLY A 103 -19.10 10.86 10.45
CA GLY A 103 -18.35 11.75 11.32
C GLY A 103 -16.95 11.27 11.64
N GLN A 104 -16.57 10.12 11.09
CA GLN A 104 -15.26 9.54 11.40
C GLN A 104 -14.36 9.47 10.16
N PRO A 105 -13.07 9.76 10.35
CA PRO A 105 -12.05 9.66 9.30
C PRO A 105 -11.76 8.20 8.93
N PHE A 106 -11.09 8.00 7.81
CA PHE A 106 -10.77 6.64 7.37
C PHE A 106 -9.51 6.63 6.54
N GLU A 107 -8.91 5.45 6.38
CA GLU A 107 -7.85 5.26 5.41
C GLU A 107 -8.11 3.98 4.64
N VAL A 108 -8.21 4.11 3.32
CA VAL A 108 -8.39 2.95 2.46
C VAL A 108 -7.19 2.76 1.55
N LEU A 109 -6.70 1.53 1.47
CA LEU A 109 -5.73 1.15 0.45
C LEU A 109 -6.40 0.25 -0.56
N ILE A 110 -6.26 0.58 -1.84
CA ILE A 110 -6.66 -0.31 -2.92
C ILE A 110 -5.40 -0.84 -3.58
N ILE A 111 -5.13 -2.12 -3.40
CA ILE A 111 -3.88 -2.69 -3.85
C ILE A 111 -4.08 -3.62 -5.06
N ALA A 112 -3.43 -3.30 -6.16
CA ALA A 112 -3.51 -4.12 -7.37
C ALA A 112 -2.50 -5.27 -7.35
N SER A 113 -3.00 -6.47 -7.64
CA SER A 113 -2.13 -7.63 -7.86
C SER A 113 -2.52 -8.27 -9.19
N ASP A 114 -1.89 -9.39 -9.52
CA ASP A 114 -2.17 -10.08 -10.78
C ASP A 114 -3.58 -10.66 -10.82
N ASP A 115 -4.12 -11.00 -9.65
CA ASP A 115 -5.42 -11.66 -9.64
C ASP A 115 -6.58 -10.76 -9.18
N GLY A 116 -6.28 -9.61 -8.60
CA GLY A 116 -7.34 -8.70 -8.20
C GLY A 116 -6.94 -7.42 -7.51
N PHE A 117 -7.90 -6.82 -6.81
CA PHE A 117 -7.67 -5.65 -5.97
C PHE A 117 -7.85 -6.04 -4.51
N LYS A 118 -6.84 -5.76 -3.69
CA LYS A 118 -7.00 -5.91 -2.24
C LYS A 118 -7.48 -4.60 -1.64
N ALA A 119 -8.61 -4.66 -0.94
CA ALA A 119 -9.11 -3.48 -0.24
C ALA A 119 -8.72 -3.53 1.23
N VAL A 120 -7.99 -2.51 1.66
CA VAL A 120 -7.58 -2.41 3.06
C VAL A 120 -8.26 -1.23 3.72
N VAL A 121 -8.93 -1.48 4.85
CA VAL A 121 -9.55 -0.40 5.60
C VAL A 121 -9.05 -0.43 7.04
N GLY A 122 -8.57 0.71 7.51
CA GLY A 122 -7.94 0.79 8.82
C GLY A 122 -6.71 -0.10 8.87
N ASP A 123 -6.68 -0.99 9.87
CA ASP A 123 -5.55 -1.88 10.07
C ASP A 123 -5.83 -3.29 9.55
N ALA A 124 -6.93 -3.46 8.81
CA ALA A 124 -7.36 -4.79 8.42
C ALA A 124 -7.58 -4.99 6.92
N GLN A 125 -7.09 -6.12 6.42
CA GLN A 125 -7.50 -6.65 5.13
C GLN A 125 -9.02 -6.77 5.10
N TYR A 126 -9.67 -6.01 4.22
CA TYR A 126 -11.13 -5.94 4.24
C TYR A 126 -11.77 -6.88 3.22
N HIS A 127 -11.35 -6.79 1.96
CA HIS A 127 -11.94 -7.61 0.91
C HIS A 127 -10.96 -7.79 -0.24
N HIS A 128 -11.16 -8.87 -1.01
CA HIS A 128 -10.35 -9.10 -2.21
C HIS A 128 -11.26 -9.23 -3.42
N PHE A 129 -11.15 -8.25 -4.32
CA PHE A 129 -12.00 -8.19 -5.50
C PHE A 129 -11.22 -8.65 -6.72
N ARG A 130 -11.56 -9.84 -7.21
CA ARG A 130 -10.84 -10.42 -8.34
C ARG A 130 -11.20 -9.67 -9.62
N HIS A 131 -10.24 -9.52 -10.53
CA HIS A 131 -10.43 -8.76 -11.76
C HIS A 131 -11.54 -9.30 -12.67
N ARG A 132 -12.41 -8.40 -13.12
CA ARG A 132 -13.34 -8.70 -14.19
C ARG A 132 -12.83 -8.15 -15.51
N LEU A 133 -12.12 -7.01 -15.42
CA LEU A 133 -11.46 -6.40 -16.56
C LEU A 133 -9.95 -6.43 -16.34
N PRO A 134 -9.17 -6.56 -17.44
CA PRO A 134 -7.71 -6.55 -17.29
C PRO A 134 -7.19 -5.21 -16.76
N LEU A 135 -6.18 -5.26 -15.90
CA LEU A 135 -5.57 -4.06 -15.32
C LEU A 135 -5.16 -3.01 -16.35
N ALA A 136 -4.75 -3.48 -17.53
CA ALA A 136 -4.25 -2.60 -18.58
C ALA A 136 -5.30 -1.64 -19.11
N ARG A 137 -6.57 -1.91 -18.79
CA ARG A 137 -7.64 -1.07 -19.30
C ARG A 137 -7.93 0.11 -18.37
N VAL A 138 -7.47 0.03 -17.13
CA VAL A 138 -7.72 1.09 -16.16
C VAL A 138 -7.00 2.36 -16.58
N ARG A 139 -7.74 3.47 -16.64
CA ARG A 139 -7.22 4.72 -17.17
C ARG A 139 -7.39 5.88 -16.18
N LEU A 140 -8.40 5.76 -15.31
CA LEU A 140 -8.79 6.88 -14.47
C LEU A 140 -9.20 6.43 -13.07
N VAL A 141 -8.82 7.22 -12.06
CA VAL A 141 -9.32 7.01 -10.70
C VAL A 141 -10.26 8.16 -10.31
N GLU A 142 -11.43 7.81 -9.79
CA GLU A 142 -12.42 8.79 -9.36
C GLU A 142 -12.87 8.54 -7.92
N VAL A 143 -12.80 9.56 -7.09
CA VAL A 143 -13.28 9.47 -5.72
C VAL A 143 -14.28 10.58 -5.46
N GLY A 144 -15.49 10.22 -5.04
CA GLY A 144 -16.55 11.20 -4.89
C GLY A 144 -17.71 10.73 -4.04
N GLY A 145 -18.80 11.49 -4.04
CA GLY A 145 -19.96 11.18 -3.23
C GLY A 145 -19.91 11.92 -1.91
N ASP A 146 -20.55 11.34 -0.89
CA ASP A 146 -20.56 11.97 0.43
C ASP A 146 -19.26 11.66 1.14
N VAL A 147 -18.20 12.35 0.75
CA VAL A 147 -16.89 12.17 1.37
C VAL A 147 -16.06 13.46 1.27
N GLN A 148 -15.37 13.78 2.37
CA GLN A 148 -14.42 14.88 2.38
C GLN A 148 -13.00 14.30 2.36
N LEU A 149 -12.19 14.78 1.43
CA LEU A 149 -10.89 14.17 1.16
C LEU A 149 -9.72 14.94 1.76
N ASP A 150 -8.83 14.20 2.42
CA ASP A 150 -7.57 14.77 2.88
C ASP A 150 -6.51 14.62 1.79
N SER A 151 -6.44 13.43 1.22
CA SER A 151 -5.51 13.15 0.13
C SER A 151 -5.84 11.86 -0.62
N VAL A 152 -5.59 11.88 -1.93
CA VAL A 152 -5.69 10.70 -2.76
C VAL A 152 -4.36 10.52 -3.48
N ARG A 153 -3.68 9.41 -3.19
CA ARG A 153 -2.34 9.19 -3.73
C ARG A 153 -2.24 7.86 -4.47
N ILE A 154 -1.51 7.87 -5.58
CA ILE A 154 -1.23 6.64 -6.31
C ILE A 154 0.26 6.32 -6.21
N PHE A 155 0.59 5.14 -5.74
CA PHE A 155 1.99 4.74 -5.58
C PHE A 155 2.32 3.54 -6.46
N VAL B 23 11.50 -3.00 21.03
CA VAL B 23 10.97 -4.26 20.51
C VAL B 23 11.43 -4.50 19.08
N PRO B 24 12.10 -5.64 18.84
CA PRO B 24 12.29 -6.03 17.44
C PRO B 24 11.08 -6.79 16.91
N HIS B 25 10.72 -6.54 15.66
CA HIS B 25 9.61 -7.25 15.05
C HIS B 25 10.15 -8.28 14.07
N LYS B 26 9.60 -9.49 14.12
CA LYS B 26 10.03 -10.55 13.23
C LYS B 26 8.84 -11.44 12.85
N SER B 27 8.55 -11.54 11.56
CA SER B 27 7.39 -12.32 11.12
C SER B 27 7.62 -13.07 9.83
N SER B 28 7.14 -14.31 9.80
CA SER B 28 7.20 -15.16 8.61
C SER B 28 6.13 -14.75 7.61
N LEU B 29 6.31 -15.18 6.37
CA LEU B 29 5.35 -14.92 5.31
C LEU B 29 4.77 -16.25 4.83
N PRO B 30 3.76 -16.76 5.54
CA PRO B 30 3.22 -18.11 5.32
C PRO B 30 2.64 -18.31 3.93
N GLU B 31 2.17 -17.24 3.31
CA GLU B 31 1.62 -17.32 1.97
C GLU B 31 2.63 -16.83 0.95
N GLY B 32 3.85 -16.58 1.40
CA GLY B 32 4.88 -16.03 0.52
C GLY B 32 4.53 -14.60 0.18
N ILE B 33 5.28 -14.01 -0.74
CA ILE B 33 5.01 -12.66 -1.18
C ILE B 33 4.97 -12.54 -2.70
N ARG B 34 3.90 -11.94 -3.21
CA ARG B 34 3.74 -11.71 -4.64
C ARG B 34 3.71 -10.23 -4.93
N PRO B 35 3.79 -9.85 -6.23
CA PRO B 35 3.49 -8.45 -6.57
C PRO B 35 2.11 -8.06 -6.07
N GLY B 36 2.03 -6.96 -5.32
CA GLY B 36 0.77 -6.54 -4.73
C GLY B 36 0.72 -6.79 -3.24
N THR B 37 1.83 -7.28 -2.68
CA THR B 37 1.97 -7.39 -1.24
C THR B 37 2.47 -6.07 -0.66
N VAL B 38 1.82 -5.59 0.40
CA VAL B 38 2.22 -4.31 1.00
C VAL B 38 2.62 -4.48 2.47
N LEU B 39 3.82 -4.02 2.80
CA LEU B 39 4.30 -3.99 4.18
C LEU B 39 4.18 -2.58 4.75
N ARG B 40 3.35 -2.42 5.77
CA ARG B 40 3.16 -1.11 6.39
C ARG B 40 3.74 -1.03 7.79
N ILE B 41 4.69 -0.13 7.98
CA ILE B 41 5.33 0.08 9.28
C ILE B 41 5.02 1.46 9.84
N ARG B 42 4.38 1.47 11.01
CA ARG B 42 4.12 2.73 11.72
C ARG B 42 4.90 2.76 13.02
N GLY B 43 5.64 3.84 13.25
CA GLY B 43 6.49 3.94 14.40
C GLY B 43 6.93 5.34 14.76
N LEU B 44 7.88 5.44 15.67
CA LEU B 44 8.42 6.71 16.12
C LEU B 44 9.94 6.65 16.16
N VAL B 45 10.59 7.68 15.60
CA VAL B 45 12.03 7.77 15.64
C VAL B 45 12.50 8.37 16.95
N PRO B 46 13.32 7.64 17.72
CA PRO B 46 13.85 8.11 19.00
C PRO B 46 14.63 9.41 18.82
N PRO B 47 14.69 10.25 19.88
CA PRO B 47 15.28 11.60 19.78
C PRO B 47 16.75 11.62 19.40
N ASN B 48 17.53 10.62 19.84
CA ASN B 48 18.92 10.49 19.39
C ASN B 48 19.17 9.16 18.69
N ALA B 49 18.20 8.71 17.92
CA ALA B 49 18.34 7.48 17.16
C ALA B 49 19.52 7.62 16.20
N SER B 50 20.23 6.52 15.97
CA SER B 50 21.30 6.53 14.99
C SER B 50 20.80 5.96 13.67
N ARG B 51 20.34 4.72 13.71
CA ARG B 51 19.78 4.08 12.53
C ARG B 51 18.88 2.91 12.91
N PHE B 52 17.94 2.59 12.03
CA PHE B 52 17.14 1.37 12.16
C PHE B 52 17.00 0.72 10.80
N HIS B 53 16.37 -0.46 10.76
CA HIS B 53 16.33 -1.23 9.51
C HIS B 53 15.05 -2.04 9.33
N VAL B 54 14.67 -2.20 8.08
CA VAL B 54 13.63 -3.16 7.71
C VAL B 54 14.24 -4.16 6.73
N ASN B 55 14.21 -5.44 7.08
CA ASN B 55 14.78 -6.48 6.24
C ASN B 55 13.74 -7.48 5.76
N LEU B 56 13.85 -7.83 4.48
CA LEU B 56 13.11 -8.97 3.95
C LEU B 56 14.09 -10.10 3.68
N LEU B 57 14.06 -11.11 4.53
CA LEU B 57 15.03 -12.19 4.47
C LEU B 57 14.48 -13.38 3.68
N CYS B 58 15.38 -14.17 3.10
CA CYS B 58 14.99 -15.29 2.23
C CYS B 58 15.03 -16.59 3.00
N GLY B 59 15.10 -16.49 4.31
CA GLY B 59 15.07 -17.64 5.17
C GLY B 59 14.38 -17.27 6.47
N GLU B 60 14.31 -18.23 7.39
CA GLU B 60 13.58 -18.06 8.63
C GLU B 60 14.54 -17.59 9.71
N GLU B 61 15.82 -17.72 9.43
CA GLU B 61 16.84 -17.37 10.40
C GLU B 61 17.43 -16.01 10.01
N GLN B 62 17.93 -15.30 11.01
CA GLN B 62 18.36 -13.90 10.83
C GLN B 62 19.55 -13.77 9.87
N GLY B 63 20.44 -14.76 9.85
CA GLY B 63 21.60 -14.70 8.98
C GLY B 63 21.32 -15.10 7.54
N SER B 64 20.04 -15.14 7.17
CA SER B 64 19.64 -15.50 5.82
C SER B 64 19.94 -14.37 4.84
N ASP B 65 19.97 -14.70 3.55
CA ASP B 65 20.12 -13.69 2.51
C ASP B 65 19.04 -12.63 2.64
N ALA B 66 19.38 -11.40 2.24
CA ALA B 66 18.42 -10.31 2.27
C ALA B 66 18.04 -9.88 0.87
N ALA B 67 16.76 -10.02 0.54
CA ALA B 67 16.23 -9.52 -0.72
C ALA B 67 16.17 -8.00 -0.66
N LEU B 68 15.96 -7.48 0.55
CA LEU B 68 15.91 -6.05 0.75
C LEU B 68 16.41 -5.67 2.13
N HIS B 69 17.26 -4.66 2.18
CA HIS B 69 17.75 -4.10 3.42
C HIS B 69 17.53 -2.59 3.37
N PHE B 70 16.47 -2.16 4.04
CA PHE B 70 16.06 -0.75 4.05
C PHE B 70 16.56 -0.13 5.33
N ASN B 71 17.50 0.80 5.20
CA ASN B 71 18.30 1.21 6.34
C ASN B 71 18.42 2.72 6.51
N PRO B 72 17.39 3.34 7.11
CA PRO B 72 17.44 4.77 7.46
C PRO B 72 18.55 5.08 8.45
N ARG B 73 19.40 6.03 8.11
CA ARG B 73 20.52 6.42 8.97
C ARG B 73 20.43 7.88 9.38
N LEU B 74 19.97 8.14 10.60
CA LEU B 74 19.87 9.50 11.12
C LEU B 74 21.25 10.08 11.44
N ASP B 75 22.21 9.20 11.72
CA ASP B 75 23.56 9.64 12.09
C ASP B 75 24.39 10.11 10.91
N THR B 76 24.23 9.48 9.75
CA THR B 76 24.97 9.89 8.57
C THR B 76 24.08 10.56 7.52
N SER B 77 22.85 10.86 7.91
CA SER B 77 21.90 11.59 7.05
C SER B 77 21.72 10.92 5.70
N GLU B 78 21.27 9.67 5.71
CA GLU B 78 21.05 8.93 4.48
C GLU B 78 20.10 7.75 4.71
N VAL B 79 19.49 7.26 3.63
CA VAL B 79 18.73 6.03 3.69
C VAL B 79 19.33 5.03 2.69
N VAL B 80 19.94 3.98 3.20
CA VAL B 80 20.62 3.02 2.35
C VAL B 80 19.73 1.82 2.02
N PHE B 81 19.71 1.45 0.75
CA PHE B 81 19.08 0.23 0.29
C PHE B 81 20.18 -0.73 -0.13
N ASN B 82 19.98 -2.02 0.14
CA ASN B 82 20.92 -3.03 -0.31
C ASN B 82 20.34 -4.43 -0.22
N SER B 83 21.04 -5.39 -0.81
CA SER B 83 20.70 -6.78 -0.66
C SER B 83 21.88 -7.53 -0.06
N LYS B 84 21.63 -8.74 0.42
CA LYS B 84 22.70 -9.57 0.96
C LYS B 84 22.59 -10.95 0.34
N GLU B 85 23.71 -11.41 -0.23
CA GLU B 85 23.74 -12.69 -0.91
C GLU B 85 24.98 -13.46 -0.51
N GLN B 86 24.76 -14.66 0.00
CA GLN B 86 25.83 -15.53 0.47
C GLN B 86 26.72 -14.79 1.48
N GLY B 87 26.10 -14.04 2.37
CA GLY B 87 26.81 -13.33 3.43
C GLY B 87 27.33 -11.96 3.05
N SER B 88 27.34 -11.66 1.76
CA SER B 88 27.95 -10.42 1.25
C SER B 88 26.93 -9.37 0.85
N TRP B 89 27.12 -8.14 1.31
CA TRP B 89 26.29 -7.02 0.88
C TRP B 89 26.47 -6.76 -0.61
N GLY B 90 25.37 -6.51 -1.30
CA GLY B 90 25.43 -6.18 -2.72
C GLY B 90 25.79 -4.73 -2.94
N ARG B 91 25.42 -4.19 -4.10
CA ARG B 91 25.74 -2.80 -4.39
C ARG B 91 24.69 -1.87 -3.76
N GLU B 92 25.17 -0.84 -3.07
CA GLU B 92 24.30 0.07 -2.33
C GLU B 92 23.49 1.00 -3.24
N GLU B 93 22.27 1.29 -2.84
CA GLU B 93 21.49 2.38 -3.43
C GLU B 93 21.03 3.30 -2.32
N ARG B 94 20.76 4.56 -2.65
CA ARG B 94 20.30 5.51 -1.66
C ARG B 94 19.08 6.28 -2.13
N GLY B 95 18.16 6.53 -1.21
CA GLY B 95 17.01 7.37 -1.49
C GLY B 95 17.39 8.82 -1.32
N PRO B 96 16.54 9.73 -1.81
CA PRO B 96 16.80 11.17 -1.77
C PRO B 96 16.61 11.79 -0.38
N GLY B 97 17.70 12.17 0.26
CA GLY B 97 17.60 12.83 1.56
C GLY B 97 17.15 11.91 2.66
N VAL B 98 16.73 12.49 3.77
CA VAL B 98 16.22 11.72 4.91
C VAL B 98 14.78 12.13 5.21
N PRO B 99 13.82 11.32 4.76
CA PRO B 99 12.41 11.63 4.99
C PRO B 99 11.96 11.16 6.37
N PHE B 100 12.91 11.11 7.29
CA PHE B 100 12.63 10.80 8.69
C PHE B 100 13.18 11.89 9.58
N GLN B 101 12.57 12.04 10.75
CA GLN B 101 13.01 13.05 11.72
C GLN B 101 12.98 12.45 13.12
N ARG B 102 14.10 12.60 13.82
CA ARG B 102 14.22 12.17 15.20
C ARG B 102 13.08 12.78 16.02
N GLY B 103 12.46 11.98 16.87
CA GLY B 103 11.40 12.46 17.74
C GLY B 103 10.03 12.57 17.09
N GLN B 104 9.96 12.20 15.80
CA GLN B 104 8.72 12.30 15.06
C GLN B 104 8.23 10.93 14.60
N PRO B 105 6.90 10.74 14.57
CA PRO B 105 6.33 9.49 14.06
C PRO B 105 6.54 9.36 12.56
N PHE B 106 6.34 8.16 12.03
CA PHE B 106 6.54 7.93 10.60
C PHE B 106 5.62 6.83 10.10
N GLU B 107 5.43 6.79 8.79
CA GLU B 107 4.76 5.66 8.17
C GLU B 107 5.50 5.23 6.91
N VAL B 108 5.91 3.96 6.87
CA VAL B 108 6.57 3.43 5.70
C VAL B 108 5.73 2.33 5.04
N LEU B 109 5.57 2.43 3.73
CA LEU B 109 5.04 1.31 2.96
C LEU B 109 6.16 0.70 2.14
N ILE B 110 6.34 -0.60 2.24
CA ILE B 110 7.22 -1.33 1.34
C ILE B 110 6.33 -2.16 0.43
N ILE B 111 6.28 -1.77 -0.84
CA ILE B 111 5.35 -2.37 -1.77
C ILE B 111 6.07 -3.26 -2.78
N ALA B 112 5.66 -4.52 -2.83
CA ALA B 112 6.23 -5.45 -3.78
C ALA B 112 5.56 -5.29 -5.14
N SER B 113 6.37 -5.14 -6.19
CA SER B 113 5.86 -5.11 -7.55
C SER B 113 6.57 -6.17 -8.38
N ASP B 114 6.29 -6.18 -9.68
CA ASP B 114 6.86 -7.20 -10.56
C ASP B 114 8.38 -7.05 -10.71
N ASP B 115 8.87 -5.81 -10.72
CA ASP B 115 10.28 -5.57 -10.96
C ASP B 115 11.06 -5.13 -9.71
N GLY B 116 10.36 -4.79 -8.64
CA GLY B 116 11.04 -4.39 -7.42
C GLY B 116 10.20 -4.03 -6.20
N PHE B 117 10.83 -3.30 -5.30
CA PHE B 117 10.16 -2.79 -4.11
C PHE B 117 10.00 -1.28 -4.18
N LYS B 118 8.77 -0.79 -4.05
CA LYS B 118 8.57 0.64 -3.91
C LYS B 118 8.51 1.02 -2.44
N ALA B 119 9.39 1.92 -2.04
CA ALA B 119 9.40 2.44 -0.68
C ALA B 119 8.67 3.77 -0.62
N VAL B 120 7.63 3.83 0.20
CA VAL B 120 6.87 5.06 0.39
C VAL B 120 7.04 5.55 1.81
N VAL B 121 7.42 6.83 1.94
CA VAL B 121 7.56 7.44 3.26
C VAL B 121 6.70 8.70 3.31
N GLY B 122 5.85 8.78 4.33
CA GLY B 122 4.88 9.85 4.43
C GLY B 122 3.92 9.83 3.25
N ASP B 123 3.82 10.96 2.55
CA ASP B 123 2.89 11.08 1.43
C ASP B 123 3.58 10.96 0.08
N ALA B 124 4.85 10.56 0.09
CA ALA B 124 5.65 10.58 -1.14
C ALA B 124 6.30 9.25 -1.48
N GLN B 125 6.22 8.89 -2.77
CA GLN B 125 7.05 7.86 -3.37
C GLN B 125 8.52 8.18 -3.09
N TYR B 126 9.19 7.31 -2.35
CA TYR B 126 10.55 7.65 -1.90
C TYR B 126 11.63 7.03 -2.79
N HIS B 127 11.56 5.73 -3.03
CA HIS B 127 12.57 5.07 -3.83
C HIS B 127 12.05 3.79 -4.47
N HIS B 128 12.69 3.36 -5.55
CA HIS B 128 12.35 2.11 -6.21
C HIS B 128 13.56 1.18 -6.27
N PHE B 129 13.48 0.09 -5.51
CA PHE B 129 14.57 -0.86 -5.40
C PHE B 129 14.23 -2.13 -6.18
N ARG B 130 14.84 -2.30 -7.35
CA ARG B 130 14.56 -3.48 -8.17
C ARG B 130 15.17 -4.75 -7.60
N HIS B 131 14.49 -5.86 -7.84
CA HIS B 131 14.87 -7.16 -7.29
C HIS B 131 16.28 -7.57 -7.70
N ARG B 132 17.09 -7.97 -6.72
CA ARG B 132 18.35 -8.66 -6.99
C ARG B 132 18.11 -10.14 -6.78
N LEU B 133 17.24 -10.43 -5.82
CA LEU B 133 16.77 -11.78 -5.56
C LEU B 133 15.28 -11.84 -5.91
N PRO B 134 14.82 -12.99 -6.41
CA PRO B 134 13.41 -13.14 -6.79
C PRO B 134 12.51 -13.03 -5.57
N LEU B 135 11.37 -12.39 -5.75
CA LEU B 135 10.37 -12.22 -4.70
C LEU B 135 9.99 -13.55 -4.05
N ALA B 136 10.03 -14.62 -4.84
CA ALA B 136 9.59 -15.94 -4.40
C ALA B 136 10.42 -16.56 -3.26
N ARG B 137 11.64 -16.06 -3.03
CA ARG B 137 12.47 -16.60 -1.96
C ARG B 137 12.27 -15.90 -0.62
N VAL B 138 11.63 -14.73 -0.64
CA VAL B 138 11.42 -13.96 0.58
C VAL B 138 10.51 -14.70 1.56
N ARG B 139 10.97 -14.85 2.80
CA ARG B 139 10.27 -15.66 3.79
C ARG B 139 9.97 -14.93 5.09
N LEU B 140 10.77 -13.91 5.41
CA LEU B 140 10.70 -13.32 6.73
C LEU B 140 10.83 -11.80 6.72
N VAL B 141 10.08 -11.15 7.59
CA VAL B 141 10.20 -9.71 7.79
C VAL B 141 10.87 -9.41 9.12
N GLU B 142 11.89 -8.56 9.09
CA GLU B 142 12.58 -8.17 10.31
C GLU B 142 12.67 -6.66 10.42
N VAL B 143 12.22 -6.12 11.55
CA VAL B 143 12.33 -4.69 11.82
C VAL B 143 13.00 -4.46 13.17
N GLY B 144 14.05 -3.65 13.17
CA GLY B 144 14.82 -3.43 14.38
C GLY B 144 15.70 -2.22 14.33
N GLY B 145 16.55 -2.07 15.35
CA GLY B 145 17.43 -0.93 15.47
C GLY B 145 16.85 0.16 16.35
N ASP B 146 17.28 1.39 16.14
CA ASP B 146 16.82 2.52 16.93
C ASP B 146 15.48 3.04 16.43
N VAL B 147 14.41 2.31 16.78
CA VAL B 147 13.06 2.68 16.36
C VAL B 147 12.02 2.16 17.36
N GLN B 148 10.98 2.96 17.58
CA GLN B 148 9.84 2.52 18.37
C GLN B 148 8.72 2.11 17.43
N LEU B 149 8.20 0.90 17.60
CA LEU B 149 7.20 0.40 16.65
C LEU B 149 5.81 0.48 17.24
N ASP B 150 4.89 1.06 16.47
CA ASP B 150 3.47 1.05 16.82
C ASP B 150 2.80 -0.16 16.20
N SER B 151 3.10 -0.44 14.94
CA SER B 151 2.55 -1.60 14.25
C SER B 151 3.32 -1.98 12.98
N VAL B 152 3.41 -3.27 12.73
CA VAL B 152 3.98 -3.79 11.49
C VAL B 152 2.97 -4.77 10.86
N ARG B 153 2.41 -4.40 9.71
CA ARG B 153 1.39 -5.25 9.10
C ARG B 153 1.63 -5.53 7.61
N ILE B 154 1.32 -6.75 7.22
CA ILE B 154 1.43 -7.20 5.84
C ILE B 154 0.06 -7.43 5.23
N PHE B 155 -0.19 -6.82 4.06
CA PHE B 155 -1.48 -6.96 3.40
C PHE B 155 -1.35 -7.67 2.05
C1 NAG C . -29.66 -3.43 -7.99
C2 NAG C . -29.25 -1.97 -8.05
C3 NAG C . -28.02 -1.72 -7.19
C4 NAG C . -28.22 -2.28 -5.78
C5 NAG C . -28.73 -3.72 -5.83
C6 NAG C . -29.06 -4.23 -4.43
C7 NAG C . -29.77 -0.61 -9.99
C8 NAG C . -29.72 -0.56 -11.49
N2 NAG C . -29.04 -1.56 -9.43
O1 NAG C . -30.85 -3.65 -8.77
O3 NAG C . -27.76 -0.32 -7.11
O4 NAG C . -26.98 -2.24 -5.08
O5 NAG C . -29.91 -3.79 -6.63
O6 NAG C . -29.52 -5.58 -4.51
O7 NAG C . -30.44 0.17 -9.34
C1 GAL C . -26.63 0.09 -7.89
C2 GAL C . -26.37 1.57 -7.66
C3 GAL C . -25.11 2.01 -8.39
C4 GAL C . -23.94 1.08 -8.07
C5 GAL C . -24.34 -0.37 -8.30
C6 GAL C . -23.19 -1.29 -7.91
O2 GAL C . -27.48 2.32 -8.14
O3 GAL C . -24.77 3.35 -8.00
O4 GAL C . -23.55 1.26 -6.71
O5 GAL C . -25.48 -0.68 -7.50
O6 GAL C . -23.57 -2.65 -8.17
C1 NAG D . 31.04 0.60 3.87
C2 NAG D . 30.18 0.12 5.03
C3 NAG D . 28.69 0.42 4.81
C4 NAG D . 28.51 1.87 4.38
C5 NAG D . 29.38 2.13 3.15
C6 NAG D . 29.14 3.53 2.60
C7 NAG D . 30.78 -1.79 6.39
C8 NAG D . 30.98 -3.28 6.43
N2 NAG D . 30.38 -1.30 5.22
O1 NAG D . 32.42 0.50 4.24
O3 NAG D . 27.97 0.16 6.01
O4 NAG D . 27.14 2.11 4.06
O5 NAG D . 30.74 1.96 3.53
O6 NAG D . 29.80 4.50 3.42
O7 NAG D . 30.97 -1.09 7.37
C1 GAL D . 27.23 -1.07 5.95
C2 GAL D . 26.57 -1.32 7.31
C3 GAL D . 25.64 -2.52 7.24
C4 GAL D . 24.68 -2.38 6.07
C5 GAL D . 25.46 -2.15 4.79
C6 GAL D . 24.52 -2.02 3.60
O2 GAL D . 27.58 -1.56 8.29
O3 GAL D . 24.90 -2.62 8.46
O4 GAL D . 23.84 -1.24 6.32
O5 GAL D . 26.24 -0.96 4.92
O6 GAL D . 25.27 -1.63 2.45
#